data_2QUK
#
_entry.id   2QUK
#
_cell.length_a   235.6
_cell.length_b   235.6
_cell.length_c   48.8
_cell.angle_alpha   90.0
_cell.angle_beta   90.0
_cell.angle_gamma   120.0
#
_symmetry.space_group_name_H-M   'P 6 2 2'
#
loop_
_entity.id
_entity.type
_entity.pdbx_description
1 polymer 'Tryptophanyl-tRNA synthetase'
2 water water
#
_entity_poly.entity_id   1
_entity_poly.type   'polypeptide(L)'
_entity_poly.pdbx_seq_one_letter_code
;MPNSEPASLLELFNSIATQGELVRSLKAGNASKDEIDSAVKMLVSLKMSYKAAAGEDYKADCPPGNPAPTSNHGPDATEA
EEDFVDPWTVQTSSAKGIDYDKLIVRFGSSKIDKELINRIERATGQRPHHFLRRGIFFSHRDMNQVLDAYENKKPFYLYT
GRGPSSEAMHVGHLIPFIFTKWLQDVFNVPLVIQMTDDEKYLWKDLTLDQAYSYAVENAKDIIACGFDINKTFIFSDLDY
MGMSSGFYKNVVKIQKHVTFNQVKGIFGFTDSDCIGKISFPAIQAAPSFSNSFPQIFRDRTDIQCLIPCAIDQDPYFRMT
RDVAPRIGYPKPALLHSTFFPALQGAQTKMSASDPNSSIFLTDTAKQIKTKVNKHAFSGGRDTIEEHRQFGGNCDVDVSF
MYLTFFLEDDDKLEQIRKDYTSGAMLTGELKKALIEVLQPLIAEHQARRKEVTDEIVKEFMTPRKLSFDFQHHHHHH
;
_entity_poly.pdbx_strand_id   A
#
# COMPACT_ATOMS: atom_id res chain seq x y z
N LYS A 96 12.30 -5.94 19.89
CA LYS A 96 13.44 -5.07 19.49
C LYS A 96 13.92 -5.37 18.07
N GLY A 97 13.22 -6.28 17.39
CA GLY A 97 13.59 -6.61 16.02
C GLY A 97 12.88 -5.69 15.05
N ILE A 98 13.28 -4.42 15.05
CA ILE A 98 12.68 -3.40 14.19
C ILE A 98 13.59 -2.96 13.04
N ASP A 99 14.90 -3.07 13.27
CA ASP A 99 15.93 -2.66 12.29
C ASP A 99 15.54 -2.69 10.83
N TYR A 100 15.36 -1.51 10.24
CA TYR A 100 14.99 -1.37 8.85
C TYR A 100 16.19 -1.09 7.95
N ASP A 101 17.28 -0.62 8.53
CA ASP A 101 18.48 -0.36 7.74
C ASP A 101 19.25 -1.65 7.56
N LYS A 102 19.15 -2.53 8.54
CA LYS A 102 19.83 -3.82 8.45
C LYS A 102 18.97 -4.66 7.49
N LEU A 103 17.76 -4.17 7.25
CA LEU A 103 16.81 -4.84 6.36
C LEU A 103 17.11 -4.44 4.91
N ILE A 104 17.43 -3.17 4.70
CA ILE A 104 17.77 -2.68 3.36
C ILE A 104 18.97 -3.47 2.85
N VAL A 105 19.98 -3.59 3.71
CA VAL A 105 21.22 -4.30 3.39
C VAL A 105 21.04 -5.72 2.85
N ARG A 106 20.32 -6.56 3.58
CA ARG A 106 20.14 -7.95 3.15
C ARG A 106 19.31 -8.16 1.87
N PHE A 107 18.49 -7.19 1.49
CA PHE A 107 17.68 -7.32 0.27
C PHE A 107 18.36 -6.64 -0.90
N GLY A 108 19.41 -5.90 -0.60
CA GLY A 108 20.16 -5.20 -1.63
C GLY A 108 19.43 -4.05 -2.31
N SER A 109 18.51 -3.40 -1.61
CA SER A 109 17.78 -2.28 -2.19
C SER A 109 18.50 -0.99 -1.86
N SER A 110 17.86 0.13 -2.16
CA SER A 110 18.49 1.41 -1.89
C SER A 110 17.72 2.29 -0.91
N LYS A 111 18.46 2.94 -0.01
CA LYS A 111 17.88 3.83 0.97
C LYS A 111 17.41 5.11 0.28
N ILE A 112 16.37 5.75 0.80
CA ILE A 112 15.90 7.00 0.23
C ILE A 112 16.60 8.06 1.04
N ASP A 113 17.26 9.00 0.36
CA ASP A 113 17.98 10.07 1.03
C ASP A 113 17.39 11.44 0.71
N LYS A 114 17.98 12.48 1.29
CA LYS A 114 17.50 13.85 1.10
C LYS A 114 17.56 14.20 -0.37
N GLU A 115 18.66 13.79 -1.00
CA GLU A 115 18.92 14.02 -2.41
C GLU A 115 17.64 13.69 -3.19
N LEU A 116 17.26 12.41 -3.10
CA LEU A 116 16.09 11.87 -3.76
C LEU A 116 14.79 12.62 -3.44
N ILE A 117 14.54 12.91 -2.16
CA ILE A 117 13.32 13.62 -1.75
C ILE A 117 13.26 15.02 -2.37
N ASN A 118 14.41 15.70 -2.40
CA ASN A 118 14.47 17.04 -2.97
C ASN A 118 14.26 16.94 -4.48
N ARG A 119 14.81 15.88 -5.08
CA ARG A 119 14.67 15.67 -6.51
C ARG A 119 13.20 15.47 -6.83
N ILE A 120 12.51 14.75 -5.93
CA ILE A 120 11.08 14.49 -6.09
C ILE A 120 10.28 15.77 -5.86
N GLU A 121 10.71 16.57 -4.89
CA GLU A 121 9.99 17.80 -4.57
C GLU A 121 10.20 18.85 -5.64
N ARG A 122 11.36 18.80 -6.29
CA ARG A 122 11.66 19.76 -7.34
C ARG A 122 10.87 19.33 -8.58
N ALA A 123 10.89 18.02 -8.84
CA ALA A 123 10.21 17.45 -9.98
C ALA A 123 8.71 17.76 -9.95
N THR A 124 8.19 17.87 -8.74
CA THR A 124 6.76 18.13 -8.56
C THR A 124 6.37 19.54 -8.20
N GLY A 125 7.31 20.29 -7.63
CA GLY A 125 7.05 21.66 -7.23
C GLY A 125 6.19 21.63 -5.99
N GLN A 126 6.19 20.47 -5.34
CA GLN A 126 5.41 20.26 -4.13
C GLN A 126 6.23 19.83 -2.92
N ARG A 127 5.61 19.95 -1.75
CA ARG A 127 6.29 19.56 -0.53
C ARG A 127 6.13 18.04 -0.41
N PRO A 128 7.23 17.32 -0.15
CA PRO A 128 7.27 15.87 0.01
C PRO A 128 6.22 15.43 1.01
N HIS A 129 5.73 14.20 0.86
CA HIS A 129 4.72 13.67 1.77
C HIS A 129 5.39 13.35 3.10
N HIS A 130 4.62 13.35 4.19
CA HIS A 130 5.22 13.04 5.49
C HIS A 130 5.81 11.64 5.51
N PHE A 131 5.24 10.73 4.72
CA PHE A 131 5.75 9.37 4.68
C PHE A 131 7.20 9.39 4.21
N LEU A 132 7.52 10.37 3.37
CA LEU A 132 8.88 10.53 2.87
C LEU A 132 9.74 11.26 3.90
N ARG A 133 9.17 12.29 4.55
CA ARG A 133 9.87 13.07 5.57
C ARG A 133 10.19 12.17 6.75
N ARG A 134 9.18 11.50 7.29
CA ARG A 134 9.41 10.56 8.38
C ARG A 134 9.87 9.35 7.57
N GLY A 135 10.75 8.51 8.10
CA GLY A 135 11.20 7.38 7.30
C GLY A 135 10.23 6.23 7.10
N ILE A 136 8.98 6.52 6.70
CA ILE A 136 7.93 5.51 6.49
C ILE A 136 8.21 4.71 5.20
N PHE A 137 8.41 5.44 4.11
CA PHE A 137 8.77 4.87 2.83
C PHE A 137 10.24 5.28 2.74
N PHE A 138 11.11 4.32 2.99
CA PHE A 138 12.55 4.58 3.01
C PHE A 138 13.41 3.93 1.93
N SER A 139 12.86 3.01 1.15
CA SER A 139 13.64 2.34 0.11
C SER A 139 12.98 2.42 -1.25
N HIS A 140 13.80 2.28 -2.28
CA HIS A 140 13.32 2.31 -3.66
C HIS A 140 14.23 1.40 -4.47
N ARG A 141 13.85 1.26 -5.73
CA ARG A 141 14.58 0.48 -6.71
C ARG A 141 14.28 1.29 -7.97
N ASP A 142 15.26 2.01 -8.46
CA ASP A 142 15.14 2.77 -9.69
C ASP A 142 14.16 3.94 -9.66
N MET A 143 14.06 4.63 -8.53
CA MET A 143 13.14 5.77 -8.46
C MET A 143 13.66 6.95 -9.28
N ASN A 144 14.99 7.02 -9.41
CA ASN A 144 15.60 8.09 -10.17
C ASN A 144 15.27 7.94 -11.67
N GLN A 145 15.30 6.70 -12.14
CA GLN A 145 14.95 6.41 -13.53
C GLN A 145 13.56 6.97 -13.79
N VAL A 146 12.66 6.74 -12.83
CA VAL A 146 11.28 7.24 -12.92
C VAL A 146 11.27 8.76 -13.04
N LEU A 147 12.09 9.41 -12.22
CA LEU A 147 12.16 10.86 -12.21
C LEU A 147 12.79 11.36 -13.52
N ASP A 148 13.84 10.69 -13.98
CA ASP A 148 14.49 11.05 -15.23
C ASP A 148 13.37 11.25 -16.23
N ALA A 149 12.64 10.15 -16.45
CA ALA A 149 11.52 10.13 -17.38
C ALA A 149 10.58 11.31 -17.19
N TYR A 150 10.09 11.50 -15.97
CA TYR A 150 9.15 12.59 -15.71
C TYR A 150 9.69 13.98 -16.02
N GLU A 151 10.96 14.22 -15.69
CA GLU A 151 11.58 15.51 -15.94
C GLU A 151 11.64 15.84 -17.43
N ASN A 152 11.89 14.81 -18.26
CA ASN A 152 11.98 14.96 -19.72
C ASN A 152 10.59 14.92 -20.35
N LYS A 153 9.56 14.94 -19.51
CA LYS A 153 8.16 14.90 -19.92
C LYS A 153 7.73 13.53 -20.43
N LYS A 154 8.54 12.51 -20.16
CA LYS A 154 8.22 11.13 -20.57
C LYS A 154 7.40 10.52 -19.41
N PRO A 155 6.13 10.18 -19.66
CA PRO A 155 5.27 9.60 -18.63
C PRO A 155 5.71 8.25 -18.04
N PHE A 156 5.03 7.89 -16.96
CA PHE A 156 5.22 6.64 -16.24
C PHE A 156 3.86 6.37 -15.59
N TYR A 157 3.69 5.23 -14.96
CA TYR A 157 2.40 4.94 -14.32
C TYR A 157 2.62 4.21 -13.00
N LEU A 158 1.57 4.15 -12.19
CA LEU A 158 1.65 3.47 -10.88
C LEU A 158 0.73 2.27 -10.84
N TYR A 159 1.13 1.25 -10.07
CA TYR A 159 0.32 0.06 -9.98
C TYR A 159 0.32 -0.54 -8.57
N THR A 160 -0.88 -0.75 -8.02
CA THR A 160 -1.02 -1.38 -6.71
C THR A 160 -2.19 -2.34 -6.79
N GLY A 161 -2.27 -3.23 -5.81
CA GLY A 161 -3.35 -4.18 -5.82
C GLY A 161 -3.94 -4.37 -4.45
N ARG A 162 -4.92 -5.26 -4.36
CA ARG A 162 -5.64 -5.55 -3.11
C ARG A 162 -6.24 -6.96 -3.23
N GLY A 163 -6.06 -7.78 -2.21
CA GLY A 163 -6.62 -9.12 -2.26
C GLY A 163 -8.01 -9.07 -1.68
N PRO A 164 -9.07 -8.92 -2.51
CA PRO A 164 -10.46 -8.86 -2.07
C PRO A 164 -10.82 -9.74 -0.89
N SER A 165 -11.74 -9.25 -0.08
CA SER A 165 -12.20 -10.01 1.07
C SER A 165 -13.53 -9.52 1.61
N SER A 166 -14.03 -10.32 2.54
CA SER A 166 -15.31 -10.10 3.17
C SER A 166 -15.23 -9.33 4.47
N GLU A 167 -14.17 -9.57 5.24
CA GLU A 167 -14.07 -8.91 6.56
C GLU A 167 -14.12 -7.40 6.35
N ALA A 168 -13.85 -6.60 7.38
CA ALA A 168 -13.91 -5.16 7.24
C ALA A 168 -12.95 -4.32 6.38
N MET A 169 -11.64 -4.45 6.52
CA MET A 169 -10.69 -3.55 5.80
C MET A 169 -10.26 -2.36 6.74
N HIS A 170 -9.08 -2.45 7.34
CA HIS A 170 -8.59 -1.48 8.31
C HIS A 170 -7.72 -0.30 7.84
N VAL A 171 -7.14 0.39 8.82
CA VAL A 171 -6.32 1.56 8.56
C VAL A 171 -4.98 1.26 7.91
N GLY A 172 -4.37 0.12 8.26
CA GLY A 172 -3.09 -0.23 7.66
C GLY A 172 -3.23 -0.35 6.14
N HIS A 173 -4.37 -0.89 5.71
CA HIS A 173 -4.66 -1.06 4.30
C HIS A 173 -4.64 0.28 3.59
N LEU A 174 -4.46 1.35 4.33
CA LEU A 174 -4.45 2.67 3.73
C LEU A 174 -3.08 3.23 3.46
N ILE A 175 -2.09 2.85 4.26
CA ILE A 175 -0.76 3.41 4.05
C ILE A 175 -0.49 3.47 2.54
N PRO A 176 -0.40 2.30 1.87
CA PRO A 176 -0.15 2.23 0.42
C PRO A 176 -1.12 3.08 -0.42
N PHE A 177 -2.41 2.87 -0.22
CA PHE A 177 -3.38 3.65 -0.97
C PHE A 177 -3.24 5.16 -0.75
N ILE A 178 -2.78 5.57 0.43
CA ILE A 178 -2.64 6.99 0.67
C ILE A 178 -1.45 7.52 -0.10
N PHE A 179 -0.30 6.87 0.05
CA PHE A 179 0.92 7.28 -0.65
C PHE A 179 0.73 7.31 -2.16
N THR A 180 0.00 6.33 -2.68
CA THR A 180 -0.26 6.25 -4.11
C THR A 180 -1.20 7.35 -4.60
N LYS A 181 -2.09 7.83 -3.74
CA LYS A 181 -3.01 8.90 -4.12
C LYS A 181 -2.19 10.19 -4.23
N TRP A 182 -1.22 10.34 -3.33
CA TRP A 182 -0.36 11.52 -3.32
C TRP A 182 0.39 11.50 -4.65
N LEU A 183 1.31 10.53 -4.77
CA LEU A 183 2.13 10.35 -5.97
C LEU A 183 1.32 10.64 -7.22
N GLN A 184 0.15 10.02 -7.33
CA GLN A 184 -0.71 10.24 -8.49
C GLN A 184 -1.00 11.73 -8.70
N ASP A 185 -1.65 12.36 -7.72
CA ASP A 185 -2.00 13.78 -7.78
C ASP A 185 -0.80 14.68 -7.99
N VAL A 186 0.24 14.42 -7.20
CA VAL A 186 1.48 15.16 -7.25
C VAL A 186 2.18 15.18 -8.62
N PHE A 187 2.14 14.04 -9.33
CA PHE A 187 2.75 13.90 -10.67
C PHE A 187 1.75 13.97 -11.81
N ASN A 188 0.47 13.84 -11.48
CA ASN A 188 -0.60 13.82 -12.48
C ASN A 188 -0.15 12.68 -13.36
N VAL A 189 -0.42 11.48 -12.87
CA VAL A 189 0.01 10.26 -13.54
C VAL A 189 -1.07 9.17 -13.42
N PRO A 190 -1.05 8.16 -14.33
CA PRO A 190 -2.02 7.07 -14.34
C PRO A 190 -1.77 5.98 -13.28
N LEU A 191 -2.87 5.53 -12.67
CA LEU A 191 -2.82 4.50 -11.65
C LEU A 191 -3.65 3.29 -12.07
N VAL A 192 -3.03 2.12 -11.95
CA VAL A 192 -3.67 0.87 -12.32
C VAL A 192 -3.79 0.05 -11.02
N ILE A 193 -5.02 -0.38 -10.73
CA ILE A 193 -5.29 -1.14 -9.51
C ILE A 193 -5.84 -2.55 -9.74
N GLN A 194 -5.07 -3.52 -9.26
CA GLN A 194 -5.42 -4.92 -9.43
C GLN A 194 -6.25 -5.51 -8.32
N MET A 195 -7.41 -6.03 -8.68
CA MET A 195 -8.28 -6.68 -7.71
C MET A 195 -8.13 -8.19 -7.94
N THR A 196 -7.20 -8.82 -7.23
CA THR A 196 -6.96 -10.22 -7.40
C THR A 196 -8.04 -11.18 -6.89
N ASP A 197 -9.25 -11.06 -7.45
CA ASP A 197 -10.32 -11.94 -7.04
C ASP A 197 -9.97 -13.39 -7.33
N ASP A 198 -9.32 -13.63 -8.48
CA ASP A 198 -8.92 -14.98 -8.85
C ASP A 198 -7.95 -15.59 -7.83
N GLU A 199 -7.04 -14.78 -7.31
CA GLU A 199 -6.11 -15.25 -6.30
C GLU A 199 -6.90 -15.76 -5.09
N LYS A 200 -7.81 -14.92 -4.60
CA LYS A 200 -8.63 -15.26 -3.43
C LYS A 200 -9.48 -16.50 -3.67
N TYR A 201 -9.99 -16.60 -4.89
CA TYR A 201 -10.80 -17.76 -5.30
C TYR A 201 -9.96 -19.03 -5.29
N LEU A 202 -8.69 -18.88 -5.66
CA LEU A 202 -7.75 -19.99 -5.70
C LEU A 202 -7.30 -20.42 -4.32
N TRP A 203 -6.87 -19.45 -3.51
CA TRP A 203 -6.37 -19.66 -2.14
C TRP A 203 -7.43 -19.86 -1.06
N LYS A 204 -8.38 -18.94 -0.97
CA LYS A 204 -9.40 -19.07 0.06
C LYS A 204 -10.49 -20.08 -0.30
N ASP A 205 -11.62 -19.98 0.37
CA ASP A 205 -12.72 -20.90 0.18
C ASP A 205 -13.93 -20.18 -0.40
N LEU A 206 -13.74 -19.46 -1.48
CA LEU A 206 -14.84 -18.73 -2.10
C LEU A 206 -15.43 -19.42 -3.32
N THR A 207 -16.52 -18.84 -3.80
CA THR A 207 -17.20 -19.31 -5.00
C THR A 207 -16.64 -18.29 -5.98
N LEU A 208 -16.34 -18.71 -7.20
CA LEU A 208 -15.77 -17.79 -8.19
C LEU A 208 -16.61 -16.51 -8.23
N ASP A 209 -17.92 -16.64 -8.10
CA ASP A 209 -18.79 -15.47 -8.15
C ASP A 209 -18.73 -14.64 -6.85
N GLN A 210 -18.24 -15.25 -5.78
CA GLN A 210 -18.09 -14.59 -4.48
C GLN A 210 -16.91 -13.65 -4.54
N ALA A 211 -15.74 -14.23 -4.77
CA ALA A 211 -14.48 -13.50 -4.86
C ALA A 211 -14.66 -12.28 -5.73
N TYR A 212 -15.42 -12.41 -6.80
CA TYR A 212 -15.63 -11.28 -7.68
C TYR A 212 -16.44 -10.20 -6.96
N SER A 213 -17.40 -10.66 -6.16
CA SER A 213 -18.26 -9.78 -5.39
C SER A 213 -17.39 -8.82 -4.59
N TYR A 214 -16.48 -9.41 -3.82
CA TYR A 214 -15.57 -8.66 -2.98
C TYR A 214 -14.74 -7.66 -3.79
N ALA A 215 -14.26 -8.10 -4.94
CA ALA A 215 -13.45 -7.23 -5.77
C ALA A 215 -14.22 -5.94 -6.03
N VAL A 216 -15.52 -6.04 -6.25
CA VAL A 216 -16.33 -4.85 -6.53
C VAL A 216 -16.55 -3.98 -5.28
N GLU A 217 -16.90 -4.62 -4.17
CA GLU A 217 -17.12 -3.89 -2.91
C GLU A 217 -15.82 -3.27 -2.45
N ASN A 218 -14.76 -4.05 -2.38
CA ASN A 218 -13.48 -3.52 -1.95
C ASN A 218 -13.08 -2.37 -2.86
N ALA A 219 -13.65 -2.33 -4.05
CA ALA A 219 -13.30 -1.28 -4.99
C ALA A 219 -13.85 0.05 -4.51
N LYS A 220 -15.02 -0.02 -3.88
CA LYS A 220 -15.67 1.15 -3.33
C LYS A 220 -14.79 1.79 -2.25
N ASP A 221 -14.23 0.96 -1.36
CA ASP A 221 -13.35 1.46 -0.29
C ASP A 221 -12.15 2.19 -0.89
N ILE A 222 -11.61 1.63 -1.97
CA ILE A 222 -10.46 2.22 -2.64
C ILE A 222 -10.80 3.54 -3.35
N ILE A 223 -12.01 3.64 -3.90
CA ILE A 223 -12.42 4.88 -4.56
C ILE A 223 -12.60 5.97 -3.52
N ALA A 224 -13.09 5.58 -2.34
CA ALA A 224 -13.33 6.51 -1.24
C ALA A 224 -12.12 7.38 -0.99
N CYS A 225 -10.92 6.82 -1.15
CA CYS A 225 -9.68 7.57 -0.93
C CYS A 225 -9.45 8.69 -1.93
N GLY A 226 -10.44 8.99 -2.75
CA GLY A 226 -10.26 10.05 -3.73
C GLY A 226 -9.97 9.51 -5.11
N PHE A 227 -8.68 9.35 -5.42
CA PHE A 227 -8.22 8.82 -6.72
C PHE A 227 -9.01 9.41 -7.90
N ASP A 228 -8.39 10.34 -8.63
CA ASP A 228 -9.06 10.97 -9.76
C ASP A 228 -9.50 9.95 -10.79
N ILE A 229 -10.81 9.91 -11.05
CA ILE A 229 -11.37 8.95 -11.99
C ILE A 229 -10.69 8.97 -13.38
N ASN A 230 -10.39 10.16 -13.89
CA ASN A 230 -9.74 10.28 -15.21
C ASN A 230 -8.24 9.97 -15.13
N LYS A 231 -7.83 9.28 -14.07
CA LYS A 231 -6.41 8.95 -13.88
C LYS A 231 -6.21 7.54 -13.36
N THR A 232 -7.23 6.98 -12.73
CA THR A 232 -7.12 5.65 -12.14
C THR A 232 -8.02 4.58 -12.77
N PHE A 233 -7.47 3.38 -12.91
CA PHE A 233 -8.18 2.24 -13.48
C PHE A 233 -8.13 1.08 -12.48
N ILE A 234 -9.31 0.64 -12.04
CA ILE A 234 -9.40 -0.47 -11.10
C ILE A 234 -9.98 -1.67 -11.86
N PHE A 235 -9.22 -2.76 -11.89
CA PHE A 235 -9.66 -3.94 -12.61
C PHE A 235 -9.73 -5.20 -11.77
N SER A 236 -10.63 -6.07 -12.20
CA SER A 236 -10.82 -7.37 -11.58
C SER A 236 -10.02 -8.31 -12.47
N ASP A 237 -9.17 -9.12 -11.87
CA ASP A 237 -8.42 -10.08 -12.66
C ASP A 237 -9.43 -10.83 -13.52
N LEU A 238 -10.43 -11.42 -12.87
CA LEU A 238 -11.46 -12.19 -13.54
C LEU A 238 -12.18 -11.47 -14.67
N ASP A 239 -12.29 -10.15 -14.58
CA ASP A 239 -12.98 -9.40 -15.61
C ASP A 239 -12.03 -8.94 -16.71
N TYR A 240 -10.91 -8.36 -16.32
CA TYR A 240 -9.96 -7.84 -17.31
C TYR A 240 -9.34 -8.88 -18.23
N MET A 241 -8.96 -10.02 -17.67
CA MET A 241 -8.34 -11.08 -18.47
C MET A 241 -9.09 -11.26 -19.78
N GLY A 242 -10.42 -11.39 -19.68
CA GLY A 242 -11.24 -11.60 -20.85
C GLY A 242 -11.63 -10.37 -21.63
N MET A 243 -10.83 -9.30 -21.54
CA MET A 243 -11.13 -8.09 -22.30
C MET A 243 -9.91 -7.19 -22.46
N SER A 244 -8.76 -7.84 -22.63
CA SER A 244 -7.50 -7.16 -22.83
C SER A 244 -6.70 -7.91 -23.90
N SER A 245 -6.40 -7.21 -24.99
CA SER A 245 -5.66 -7.81 -26.08
C SER A 245 -4.17 -7.71 -25.78
N GLY A 246 -3.84 -7.67 -24.50
CA GLY A 246 -2.44 -7.56 -24.10
C GLY A 246 -2.10 -8.13 -22.74
N PHE A 247 -3.08 -8.22 -21.85
CA PHE A 247 -2.84 -8.74 -20.50
C PHE A 247 -2.40 -10.22 -20.43
N TYR A 248 -3.20 -11.12 -21.00
CA TYR A 248 -2.87 -12.56 -20.99
C TYR A 248 -1.60 -12.80 -21.79
N LYS A 249 -1.45 -12.06 -22.89
CA LYS A 249 -0.27 -12.21 -23.70
C LYS A 249 0.94 -12.09 -22.79
N ASN A 250 0.92 -11.08 -21.91
CA ASN A 250 2.05 -10.84 -20.99
C ASN A 250 2.15 -11.88 -19.89
N VAL A 251 1.03 -12.47 -19.50
CA VAL A 251 1.05 -13.51 -18.48
C VAL A 251 1.87 -14.69 -19.00
N VAL A 252 1.51 -15.15 -20.21
CA VAL A 252 2.18 -16.25 -20.91
C VAL A 252 3.68 -15.97 -21.05
N LYS A 253 4.04 -14.78 -21.55
CA LYS A 253 5.46 -14.45 -21.67
C LYS A 253 6.16 -14.67 -20.33
N ILE A 254 5.53 -14.21 -19.24
CA ILE A 254 6.11 -14.36 -17.91
C ILE A 254 6.05 -15.81 -17.45
N GLN A 255 4.94 -16.47 -17.77
CA GLN A 255 4.72 -17.86 -17.36
C GLN A 255 5.78 -18.87 -17.72
N LYS A 256 6.52 -18.67 -18.81
CA LYS A 256 7.52 -19.66 -19.15
C LYS A 256 8.93 -19.27 -18.71
N HIS A 257 9.11 -17.99 -18.42
CA HIS A 257 10.40 -17.50 -17.96
C HIS A 257 10.52 -17.65 -16.43
N VAL A 258 9.54 -18.31 -15.82
CA VAL A 258 9.53 -18.52 -14.37
C VAL A 258 9.28 -20.02 -14.16
N THR A 259 10.25 -20.72 -13.58
CA THR A 259 10.09 -22.15 -13.35
C THR A 259 9.24 -22.39 -12.10
N PHE A 260 8.89 -23.64 -11.86
CA PHE A 260 8.10 -24.00 -10.69
C PHE A 260 9.00 -23.87 -9.47
N ASN A 261 10.27 -24.23 -9.67
CA ASN A 261 11.27 -24.16 -8.61
C ASN A 261 11.46 -22.72 -8.15
N GLN A 262 11.37 -21.78 -9.09
CA GLN A 262 11.54 -20.38 -8.76
C GLN A 262 10.47 -19.91 -7.79
N VAL A 263 9.25 -20.45 -7.92
CA VAL A 263 8.17 -20.04 -7.03
C VAL A 263 8.08 -20.91 -5.79
N LYS A 264 8.63 -22.12 -5.86
CA LYS A 264 8.59 -23.01 -4.71
C LYS A 264 9.50 -22.45 -3.62
N GLY A 265 10.48 -21.66 -4.06
CA GLY A 265 11.42 -21.08 -3.11
C GLY A 265 11.11 -19.62 -2.80
N ILE A 266 9.91 -19.20 -3.15
CA ILE A 266 9.48 -17.82 -2.91
C ILE A 266 8.09 -17.73 -2.30
N PHE A 267 7.27 -18.76 -2.52
CA PHE A 267 5.94 -18.77 -1.96
C PHE A 267 5.70 -20.16 -1.38
N GLY A 268 6.75 -20.97 -1.38
CA GLY A 268 6.66 -22.32 -0.84
C GLY A 268 5.48 -23.12 -1.35
N PHE A 269 5.41 -23.31 -2.67
CA PHE A 269 4.33 -24.10 -3.23
C PHE A 269 4.65 -25.58 -3.08
N THR A 270 3.61 -26.39 -2.94
CA THR A 270 3.79 -27.82 -2.79
C THR A 270 3.01 -28.63 -3.82
N ASP A 271 3.47 -29.84 -4.08
CA ASP A 271 2.83 -30.72 -5.05
C ASP A 271 1.35 -30.94 -4.77
N SER A 272 0.91 -30.55 -3.59
CA SER A 272 -0.49 -30.72 -3.21
C SER A 272 -1.32 -29.51 -3.58
N ASP A 273 -0.65 -28.42 -3.95
CA ASP A 273 -1.33 -27.20 -4.33
C ASP A 273 -1.85 -27.26 -5.76
N CYS A 274 -3.01 -26.67 -6.00
CA CYS A 274 -3.62 -26.67 -7.33
C CYS A 274 -2.78 -25.91 -8.35
N ILE A 275 -2.98 -26.20 -9.63
CA ILE A 275 -2.20 -25.57 -10.70
C ILE A 275 -2.51 -24.08 -10.87
N GLY A 276 -3.68 -23.66 -10.41
CA GLY A 276 -4.03 -22.26 -10.49
C GLY A 276 -3.08 -21.46 -9.60
N LYS A 277 -2.70 -22.03 -8.45
CA LYS A 277 -1.81 -21.35 -7.54
C LYS A 277 -0.40 -21.21 -8.11
N ILE A 278 0.19 -22.33 -8.51
CA ILE A 278 1.56 -22.32 -9.04
C ILE A 278 1.79 -21.31 -10.16
N SER A 279 0.78 -21.10 -10.99
CA SER A 279 0.90 -20.17 -12.11
C SER A 279 0.47 -18.73 -11.83
N PHE A 280 -0.13 -18.48 -10.67
CA PHE A 280 -0.62 -17.13 -10.36
C PHE A 280 0.41 -16.00 -10.31
N PRO A 281 1.60 -16.24 -9.71
CA PRO A 281 2.61 -15.18 -9.63
C PRO A 281 2.80 -14.39 -10.93
N ALA A 282 2.34 -14.95 -12.04
CA ALA A 282 2.49 -14.28 -13.33
C ALA A 282 1.40 -13.24 -13.49
N ILE A 283 0.23 -13.55 -12.96
CA ILE A 283 -0.92 -12.66 -13.02
C ILE A 283 -0.59 -11.44 -12.19
N GLN A 284 0.10 -11.67 -11.09
CA GLN A 284 0.52 -10.63 -10.16
C GLN A 284 1.55 -9.72 -10.81
N ALA A 285 2.40 -10.32 -11.64
CA ALA A 285 3.47 -9.59 -12.32
C ALA A 285 3.05 -8.80 -13.55
N ALA A 286 2.25 -9.41 -14.42
CA ALA A 286 1.81 -8.77 -15.66
C ALA A 286 1.47 -7.28 -15.65
N PRO A 287 0.64 -6.82 -14.69
CA PRO A 287 0.30 -5.38 -14.69
C PRO A 287 1.49 -4.42 -14.61
N SER A 288 2.66 -4.96 -14.25
CA SER A 288 3.89 -4.17 -14.14
C SER A 288 4.43 -3.72 -15.49
N PHE A 289 3.83 -4.20 -16.58
CA PHE A 289 4.28 -3.84 -17.92
C PHE A 289 3.17 -3.11 -18.69
N SER A 290 3.50 -1.88 -19.09
CA SER A 290 2.57 -0.99 -19.78
C SER A 290 1.65 -1.53 -20.86
N ASN A 291 2.13 -2.42 -21.74
CA ASN A 291 1.26 -2.91 -22.80
C ASN A 291 0.20 -3.91 -22.33
N SER A 292 0.18 -4.17 -21.02
CA SER A 292 -0.81 -5.07 -20.47
C SER A 292 -2.12 -4.33 -20.55
N PHE A 293 -2.03 -3.01 -20.56
CA PHE A 293 -3.20 -2.13 -20.63
C PHE A 293 -3.16 -1.33 -21.92
N PRO A 294 -3.60 -1.94 -23.03
CA PRO A 294 -3.61 -1.27 -24.32
C PRO A 294 -4.65 -0.15 -24.38
N GLN A 295 -5.77 -0.33 -23.71
CA GLN A 295 -6.84 0.67 -23.71
C GLN A 295 -6.41 2.06 -23.25
N ILE A 296 -5.23 2.16 -22.64
CA ILE A 296 -4.74 3.46 -22.15
C ILE A 296 -3.34 3.84 -22.62
N PHE A 297 -2.56 2.85 -23.05
CA PHE A 297 -1.20 3.09 -23.54
C PHE A 297 -1.05 2.63 -24.98
N ARG A 298 -2.00 1.80 -25.41
CA ARG A 298 -2.00 1.25 -26.77
C ARG A 298 -0.70 0.45 -26.65
N ASP A 299 -0.09 0.10 -27.77
CA ASP A 299 1.16 -0.63 -27.72
C ASP A 299 2.12 0.29 -26.98
N ARG A 300 3.41 -0.01 -27.06
CA ARG A 300 4.45 0.77 -26.38
C ARG A 300 4.70 0.18 -25.02
N THR A 301 5.92 -0.30 -24.81
CA THR A 301 6.30 -0.90 -23.55
C THR A 301 7.40 -0.08 -22.88
N ASP A 302 7.60 1.13 -23.38
CA ASP A 302 8.62 2.04 -22.88
C ASP A 302 8.20 2.85 -21.65
N ILE A 303 7.01 2.56 -21.12
CA ILE A 303 6.54 3.30 -19.97
C ILE A 303 6.85 2.65 -18.61
N GLN A 304 7.59 3.41 -17.79
CA GLN A 304 8.03 3.03 -16.44
C GLN A 304 6.89 2.76 -15.47
N CYS A 305 6.98 1.68 -14.70
CA CYS A 305 5.93 1.42 -13.72
C CYS A 305 6.55 1.63 -12.34
N LEU A 306 5.76 2.23 -11.44
CA LEU A 306 6.20 2.47 -10.07
C LEU A 306 5.20 1.76 -9.17
N ILE A 307 5.74 0.97 -8.25
CA ILE A 307 4.94 0.19 -7.33
C ILE A 307 5.25 0.44 -5.86
N PRO A 308 4.41 1.25 -5.18
CA PRO A 308 4.65 1.51 -3.76
C PRO A 308 4.21 0.23 -3.02
N CYS A 309 5.02 -0.23 -2.06
CA CYS A 309 4.68 -1.46 -1.34
C CYS A 309 5.52 -1.62 -0.08
N ALA A 310 5.22 -2.67 0.68
CA ALA A 310 5.94 -2.94 1.93
C ALA A 310 7.32 -3.50 1.61
N ILE A 311 8.23 -3.33 2.56
CA ILE A 311 9.59 -3.78 2.39
C ILE A 311 9.79 -5.29 2.50
N ASP A 312 8.86 -6.00 3.16
CA ASP A 312 9.03 -7.45 3.26
C ASP A 312 8.34 -8.09 2.05
N GLN A 313 8.00 -7.24 1.08
CA GLN A 313 7.36 -7.66 -0.15
C GLN A 313 8.34 -7.56 -1.30
N ASP A 314 9.58 -7.20 -0.99
CA ASP A 314 10.61 -7.04 -2.00
C ASP A 314 11.05 -8.35 -2.67
N PRO A 315 11.28 -9.40 -1.86
CA PRO A 315 11.71 -10.68 -2.46
C PRO A 315 10.62 -11.32 -3.32
N TYR A 316 9.51 -10.60 -3.50
CA TYR A 316 8.40 -11.08 -4.32
C TYR A 316 8.47 -10.38 -5.68
N PHE A 317 8.90 -9.12 -5.66
CA PHE A 317 9.00 -8.37 -6.90
C PHE A 317 10.35 -8.61 -7.55
N ARG A 318 11.16 -9.48 -6.93
CA ARG A 318 12.47 -9.80 -7.49
C ARG A 318 12.17 -10.58 -8.76
N MET A 319 11.37 -11.63 -8.60
CA MET A 319 10.95 -12.48 -9.70
C MET A 319 10.49 -11.62 -10.86
N THR A 320 9.49 -10.78 -10.62
CA THR A 320 8.95 -9.89 -11.63
C THR A 320 10.02 -9.01 -12.27
N ARG A 321 10.93 -8.50 -11.47
CA ARG A 321 11.97 -7.63 -11.99
C ARG A 321 13.05 -8.38 -12.76
N ASP A 322 13.28 -9.63 -12.37
CA ASP A 322 14.27 -10.47 -13.06
C ASP A 322 13.79 -10.83 -14.48
N VAL A 323 12.56 -11.34 -14.59
CA VAL A 323 12.00 -11.70 -15.90
C VAL A 323 11.57 -10.49 -16.72
N ALA A 324 11.99 -9.29 -16.34
CA ALA A 324 11.59 -8.10 -17.07
C ALA A 324 12.35 -7.87 -18.39
N PRO A 325 13.67 -7.64 -18.30
CA PRO A 325 14.43 -7.42 -19.53
C PRO A 325 14.58 -8.74 -20.30
N ARG A 326 14.40 -9.84 -19.58
CA ARG A 326 14.49 -11.16 -20.19
C ARG A 326 13.40 -11.29 -21.24
N ILE A 327 12.41 -10.39 -21.18
CA ILE A 327 11.33 -10.40 -22.16
C ILE A 327 11.23 -9.02 -22.78
N GLY A 328 12.35 -8.30 -22.79
CA GLY A 328 12.39 -6.97 -23.39
C GLY A 328 11.50 -5.90 -22.80
N TYR A 329 11.30 -5.97 -21.49
CA TYR A 329 10.45 -5.02 -20.78
C TYR A 329 11.21 -4.32 -19.66
N PRO A 330 10.88 -3.05 -19.42
CA PRO A 330 11.54 -2.28 -18.36
C PRO A 330 11.20 -2.84 -16.98
N LYS A 331 12.18 -2.81 -16.07
CA LYS A 331 11.96 -3.27 -14.70
C LYS A 331 11.11 -2.22 -13.96
N PRO A 332 10.08 -2.67 -13.23
CA PRO A 332 9.21 -1.75 -12.48
C PRO A 332 9.90 -1.17 -11.24
N ALA A 333 9.68 0.12 -11.01
CA ALA A 333 10.29 0.81 -9.87
C ALA A 333 9.51 0.58 -8.58
N LEU A 334 10.25 0.38 -7.50
CA LEU A 334 9.64 0.15 -6.19
C LEU A 334 9.85 1.33 -5.24
N LEU A 335 9.05 1.34 -4.17
CA LEU A 335 9.10 2.33 -3.11
C LEU A 335 8.65 1.52 -1.90
N HIS A 336 9.60 1.16 -1.05
CA HIS A 336 9.31 0.35 0.14
C HIS A 336 8.86 1.14 1.38
N SER A 337 7.90 0.59 2.10
CA SER A 337 7.41 1.24 3.30
C SER A 337 7.68 0.29 4.46
N THR A 338 7.54 0.80 5.69
CA THR A 338 7.75 0.00 6.89
C THR A 338 6.46 -0.72 7.27
N PHE A 339 6.49 -1.45 8.37
CA PHE A 339 5.30 -2.19 8.84
C PHE A 339 4.37 -1.31 9.67
N PHE A 340 3.08 -1.35 9.37
CA PHE A 340 2.11 -0.59 10.16
C PHE A 340 1.73 -1.57 11.26
N PRO A 341 2.09 -1.27 12.52
CA PRO A 341 1.78 -2.16 13.66
C PRO A 341 0.32 -2.39 13.99
N ALA A 342 0.07 -3.45 14.76
CA ALA A 342 -1.28 -3.80 15.17
C ALA A 342 -1.46 -3.32 16.61
N LEU A 343 -2.62 -2.74 16.91
CA LEU A 343 -2.90 -2.22 18.24
C LEU A 343 -2.22 -2.95 19.39
N GLN A 344 -2.61 -4.20 19.59
CA GLN A 344 -2.11 -5.00 20.69
C GLN A 344 -0.58 -5.06 20.87
N GLY A 345 0.19 -4.64 19.87
CA GLY A 345 1.63 -4.69 20.03
C GLY A 345 2.36 -4.45 18.71
N ALA A 346 3.68 -4.41 18.74
CA ALA A 346 4.44 -4.18 17.52
C ALA A 346 5.21 -5.47 17.23
N GLN A 347 4.90 -6.50 18.00
CA GLN A 347 5.54 -7.81 17.84
C GLN A 347 4.97 -8.38 16.56
N THR A 348 3.68 -8.09 16.38
CA THR A 348 2.90 -8.51 15.23
C THR A 348 2.51 -7.35 14.29
N LYS A 349 1.68 -7.66 13.29
CA LYS A 349 1.17 -6.63 12.37
C LYS A 349 -0.27 -7.01 12.37
N MET A 350 -0.43 -8.06 13.14
CA MET A 350 -1.65 -8.76 13.37
C MET A 350 -2.67 -8.87 12.28
N SER A 351 -3.88 -9.15 12.68
CA SER A 351 -4.77 -9.48 11.64
C SER A 351 -5.75 -8.73 10.65
N ALA A 352 -6.98 -9.22 10.74
CA ALA A 352 -7.98 -8.85 9.78
C ALA A 352 -9.19 -9.53 10.43
N SER A 353 -8.93 -10.37 11.44
CA SER A 353 -10.02 -11.00 12.21
C SER A 353 -9.76 -10.47 13.60
N ASP A 354 -9.52 -11.35 14.57
CA ASP A 354 -9.30 -10.91 15.96
C ASP A 354 -9.80 -9.50 16.19
N PRO A 355 -11.14 -9.37 16.24
CA PRO A 355 -11.80 -8.11 16.47
C PRO A 355 -11.00 -7.30 17.47
N ASN A 356 -10.92 -6.00 17.20
CA ASN A 356 -10.12 -5.08 18.01
C ASN A 356 -8.84 -5.33 17.24
N SER A 357 -7.71 -5.05 17.86
CA SER A 357 -6.43 -5.25 17.19
C SER A 357 -6.21 -4.49 15.88
N SER A 358 -7.24 -3.82 15.38
CA SER A 358 -7.15 -3.05 14.15
C SER A 358 -8.37 -2.12 14.03
N ILE A 359 -8.09 -0.85 13.78
CA ILE A 359 -9.14 0.14 13.65
C ILE A 359 -9.64 -0.15 12.24
N PHE A 360 -10.93 -0.44 12.10
CA PHE A 360 -11.49 -0.73 10.80
C PHE A 360 -12.15 0.49 10.20
N LEU A 361 -12.21 0.56 8.87
CA LEU A 361 -12.81 1.69 8.19
C LEU A 361 -14.33 1.69 8.36
N THR A 362 -14.83 0.67 9.05
CA THR A 362 -16.28 0.55 9.31
C THR A 362 -16.57 0.90 10.78
N ASP A 363 -15.51 0.92 11.59
CA ASP A 363 -15.65 1.25 13.01
C ASP A 363 -16.25 2.65 13.13
N THR A 364 -17.05 2.83 14.19
CA THR A 364 -17.70 4.12 14.45
C THR A 364 -16.82 4.90 15.40
N ALA A 365 -17.17 6.17 15.58
CA ALA A 365 -16.43 7.08 16.47
C ALA A 365 -16.29 6.47 17.87
N LYS A 366 -17.36 5.87 18.35
CA LYS A 366 -17.32 5.26 19.67
C LYS A 366 -16.30 4.14 19.63
N GLN A 367 -16.45 3.27 18.65
CA GLN A 367 -15.56 2.12 18.47
C GLN A 367 -14.10 2.47 18.31
N ILE A 368 -13.83 3.50 17.50
CA ILE A 368 -12.45 3.93 17.31
C ILE A 368 -11.88 4.32 18.66
N LYS A 369 -12.63 5.14 19.39
CA LYS A 369 -12.23 5.61 20.72
C LYS A 369 -11.93 4.46 21.68
N THR A 370 -12.82 3.46 21.69
CA THR A 370 -12.66 2.30 22.56
C THR A 370 -11.39 1.49 22.24
N LYS A 371 -11.25 1.05 20.99
CA LYS A 371 -10.09 0.27 20.56
C LYS A 371 -8.76 0.92 20.93
N VAL A 372 -8.63 2.23 20.66
CA VAL A 372 -7.40 2.94 20.98
C VAL A 372 -7.13 3.02 22.49
N ASN A 373 -8.16 3.31 23.29
CA ASN A 373 -7.96 3.42 24.75
C ASN A 373 -7.73 2.08 25.43
N LYS A 374 -8.42 1.05 24.94
CA LYS A 374 -8.36 -0.27 25.55
C LYS A 374 -7.25 -1.19 25.02
N HIS A 375 -7.01 -1.16 23.72
CA HIS A 375 -6.04 -2.06 23.10
C HIS A 375 -4.74 -1.50 22.57
N ALA A 376 -4.77 -0.28 22.04
CA ALA A 376 -3.55 0.32 21.52
C ALA A 376 -2.48 0.13 22.57
N PHE A 377 -1.47 -0.68 22.28
CA PHE A 377 -0.39 -0.92 23.22
C PHE A 377 0.27 0.39 23.65
N SER A 378 0.54 0.49 24.95
CA SER A 378 1.13 1.67 25.57
C SER A 378 2.59 1.50 25.95
N GLY A 379 3.37 2.53 25.64
CA GLY A 379 4.77 2.52 25.97
C GLY A 379 5.03 3.37 27.20
N GLY A 380 3.97 3.83 27.86
CA GLY A 380 4.15 4.64 29.05
C GLY A 380 4.26 3.74 30.27
N ARG A 381 4.62 4.32 31.41
CA ARG A 381 4.74 3.53 32.65
C ARG A 381 3.37 3.15 33.25
N ASP A 382 3.37 2.26 34.24
CA ASP A 382 2.14 1.79 34.87
C ASP A 382 1.47 2.80 35.81
N THR A 383 2.27 3.57 36.53
CA THR A 383 1.73 4.59 37.43
C THR A 383 2.06 5.96 36.89
N ILE A 384 1.28 6.96 37.32
CA ILE A 384 1.44 8.33 36.88
C ILE A 384 2.75 8.91 37.38
N GLU A 385 3.15 8.52 38.58
CA GLU A 385 4.38 9.03 39.14
C GLU A 385 5.60 8.46 38.45
N GLU A 386 5.53 7.19 38.07
CA GLU A 386 6.66 6.55 37.39
C GLU A 386 6.75 7.11 35.96
N HIS A 387 5.60 7.44 35.39
CA HIS A 387 5.57 8.00 34.04
C HIS A 387 6.19 9.40 34.04
N ARG A 388 5.94 10.17 35.09
CA ARG A 388 6.52 11.51 35.15
C ARG A 388 8.02 11.44 35.30
N GLN A 389 8.48 10.52 36.14
CA GLN A 389 9.91 10.38 36.41
C GLN A 389 10.74 9.86 35.25
N PHE A 390 10.27 8.79 34.60
CA PHE A 390 10.99 8.18 33.50
C PHE A 390 10.46 8.47 32.08
N GLY A 391 9.21 8.89 31.99
CA GLY A 391 8.64 9.20 30.69
C GLY A 391 8.16 7.98 29.94
N GLY A 392 7.53 8.23 28.81
CA GLY A 392 7.04 7.12 28.01
C GLY A 392 8.08 6.77 26.97
N ASN A 393 7.93 5.58 26.40
CA ASN A 393 8.85 5.12 25.37
C ASN A 393 8.14 5.24 24.03
N CYS A 394 8.54 6.22 23.24
CA CYS A 394 7.91 6.43 21.94
C CYS A 394 8.15 5.34 20.91
N ASP A 395 9.30 4.68 21.01
CA ASP A 395 9.63 3.63 20.05
C ASP A 395 8.63 2.47 20.03
N VAL A 396 8.18 2.04 21.21
CA VAL A 396 7.25 0.92 21.29
C VAL A 396 5.77 1.29 21.44
N ASP A 397 5.46 2.57 21.63
CA ASP A 397 4.07 2.96 21.81
C ASP A 397 3.31 2.99 20.50
N VAL A 398 2.32 2.12 20.39
CA VAL A 398 1.52 2.00 19.17
C VAL A 398 0.67 3.22 18.84
N SER A 399 0.19 3.89 19.88
CA SER A 399 -0.65 5.06 19.69
C SER A 399 0.22 6.18 19.11
N PHE A 400 1.48 6.22 19.52
CA PHE A 400 2.37 7.24 18.99
C PHE A 400 2.77 6.90 17.55
N MET A 401 2.94 5.61 17.29
CA MET A 401 3.32 5.15 15.96
C MET A 401 2.25 5.52 14.96
N TYR A 402 0.99 5.31 15.33
CA TYR A 402 -0.11 5.65 14.46
C TYR A 402 -0.07 7.12 14.13
N LEU A 403 0.36 7.94 15.09
CA LEU A 403 0.40 9.37 14.85
C LEU A 403 1.37 9.67 13.73
N THR A 404 2.52 8.99 13.80
CA THR A 404 3.56 9.12 12.80
C THR A 404 2.97 9.01 11.39
N PHE A 405 2.02 8.08 11.24
CA PHE A 405 1.36 7.88 9.96
C PHE A 405 0.29 8.90 9.60
N PHE A 406 -0.65 9.15 10.52
CA PHE A 406 -1.76 10.07 10.23
C PHE A 406 -1.76 11.51 10.72
N LEU A 407 -0.81 11.90 11.56
CA LEU A 407 -0.75 13.28 12.01
C LEU A 407 0.11 14.01 10.97
N GLU A 408 -0.49 14.89 10.19
CA GLU A 408 0.27 15.58 9.16
C GLU A 408 1.24 16.67 9.60
N ASP A 409 0.96 17.36 10.71
CA ASP A 409 1.86 18.42 11.20
C ASP A 409 3.13 17.87 11.84
N ASP A 410 4.27 18.18 11.23
CA ASP A 410 5.56 17.70 11.71
C ASP A 410 5.98 18.29 13.05
N ASP A 411 5.51 19.50 13.31
CA ASP A 411 5.86 20.16 14.56
C ASP A 411 5.06 19.61 15.73
N LYS A 412 3.75 19.49 15.56
CA LYS A 412 2.89 18.97 16.63
C LYS A 412 3.34 17.57 17.03
N LEU A 413 3.80 16.79 16.05
CA LEU A 413 4.26 15.43 16.32
C LEU A 413 5.53 15.42 17.18
N GLU A 414 6.43 16.36 16.89
CA GLU A 414 7.68 16.44 17.64
C GLU A 414 7.42 16.88 19.09
N GLN A 415 6.41 17.73 19.27
CA GLN A 415 6.04 18.22 20.59
C GLN A 415 5.59 17.01 21.43
N ILE A 416 4.68 16.24 20.84
CA ILE A 416 4.11 15.02 21.42
C ILE A 416 5.22 14.03 21.76
N ARG A 417 6.11 13.84 20.79
CA ARG A 417 7.22 12.92 20.98
C ARG A 417 8.01 13.38 22.20
N LYS A 418 8.37 14.66 22.22
CA LYS A 418 9.16 15.22 23.33
C LYS A 418 8.47 15.06 24.69
N ASP A 419 7.22 15.50 24.79
CA ASP A 419 6.52 15.43 26.06
C ASP A 419 6.18 14.07 26.61
N TYR A 420 5.94 13.10 25.73
CA TYR A 420 5.63 11.77 26.19
C TYR A 420 6.91 11.12 26.71
N THR A 421 8.02 11.46 26.06
CA THR A 421 9.34 10.94 26.41
C THR A 421 9.78 11.48 27.76
N SER A 422 9.50 12.75 28.01
CA SER A 422 9.89 13.41 29.25
C SER A 422 8.92 13.03 30.35
N GLY A 423 7.67 12.75 29.96
CA GLY A 423 6.68 12.36 30.94
C GLY A 423 5.60 13.39 31.11
N ALA A 424 5.83 14.58 30.57
CA ALA A 424 4.90 15.68 30.60
C ALA A 424 3.54 15.20 30.12
N MET A 425 3.49 14.53 28.97
CA MET A 425 2.24 14.01 28.42
C MET A 425 2.03 12.58 28.91
N LEU A 426 0.76 12.22 29.16
CA LEU A 426 0.43 10.89 29.67
C LEU A 426 -0.21 10.09 28.56
N THR A 427 -0.13 8.77 28.65
CA THR A 427 -0.65 7.96 27.58
C THR A 427 -2.11 8.24 27.24
N GLY A 428 -2.91 8.64 28.22
CA GLY A 428 -4.30 8.95 27.92
C GLY A 428 -4.39 10.18 27.02
N GLU A 429 -3.44 11.10 27.19
CA GLU A 429 -3.41 12.32 26.40
C GLU A 429 -2.99 12.03 24.99
N LEU A 430 -2.06 11.08 24.87
CA LEU A 430 -1.53 10.63 23.58
C LEU A 430 -2.68 9.97 22.86
N LYS A 431 -3.38 9.09 23.59
CA LYS A 431 -4.52 8.40 23.03
C LYS A 431 -5.53 9.39 22.48
N LYS A 432 -5.94 10.37 23.29
CA LYS A 432 -6.93 11.35 22.85
C LYS A 432 -6.49 12.05 21.58
N ALA A 433 -5.18 12.27 21.48
CA ALA A 433 -4.62 12.94 20.31
C ALA A 433 -4.89 12.09 19.07
N LEU A 434 -4.51 10.81 19.17
CA LEU A 434 -4.66 9.85 18.08
C LEU A 434 -6.12 9.67 17.72
N ILE A 435 -6.96 9.56 18.75
CA ILE A 435 -8.38 9.39 18.54
C ILE A 435 -8.98 10.57 17.79
N GLU A 436 -8.46 11.76 18.02
CA GLU A 436 -9.01 12.94 17.35
C GLU A 436 -8.59 13.06 15.90
N VAL A 437 -7.56 12.30 15.54
CA VAL A 437 -7.06 12.29 14.18
C VAL A 437 -7.74 11.16 13.40
N LEU A 438 -8.01 10.06 14.09
CA LEU A 438 -8.62 8.90 13.45
C LEU A 438 -10.11 8.99 13.26
N GLN A 439 -10.81 9.63 14.17
CA GLN A 439 -12.26 9.73 14.03
C GLN A 439 -12.65 10.49 12.77
N PRO A 440 -12.04 11.66 12.54
CA PRO A 440 -12.42 12.39 11.34
C PRO A 440 -11.97 11.69 10.05
N LEU A 441 -10.78 11.10 10.09
CA LEU A 441 -10.22 10.38 8.95
C LEU A 441 -11.12 9.23 8.53
N ILE A 442 -11.42 8.34 9.48
CA ILE A 442 -12.26 7.21 9.21
C ILE A 442 -13.69 7.60 8.88
N ALA A 443 -14.20 8.66 9.50
CA ALA A 443 -15.58 9.07 9.25
C ALA A 443 -15.67 9.70 7.88
N GLU A 444 -14.62 10.41 7.48
CA GLU A 444 -14.59 11.06 6.19
C GLU A 444 -14.62 9.98 5.12
N HIS A 445 -13.91 8.88 5.38
CA HIS A 445 -13.88 7.79 4.43
C HIS A 445 -15.29 7.26 4.28
N GLN A 446 -15.96 7.06 5.42
CA GLN A 446 -17.32 6.54 5.42
C GLN A 446 -18.24 7.42 4.59
N ALA A 447 -18.04 8.73 4.70
CA ALA A 447 -18.84 9.70 3.97
C ALA A 447 -18.71 9.51 2.46
N ARG A 448 -17.48 9.49 1.99
CA ARG A 448 -17.21 9.33 0.58
C ARG A 448 -17.66 7.95 0.06
N ARG A 449 -17.42 6.91 0.85
CA ARG A 449 -17.79 5.57 0.44
C ARG A 449 -19.30 5.47 0.20
N LYS A 450 -20.04 6.45 0.69
CA LYS A 450 -21.49 6.46 0.53
C LYS A 450 -21.80 7.15 -0.79
N GLU A 451 -20.97 8.12 -1.15
CA GLU A 451 -21.14 8.86 -2.39
C GLU A 451 -20.76 8.06 -3.64
N VAL A 452 -20.10 6.92 -3.45
CA VAL A 452 -19.70 6.09 -4.59
C VAL A 452 -20.85 5.16 -4.97
N THR A 453 -21.48 5.48 -6.11
CA THR A 453 -22.62 4.74 -6.64
C THR A 453 -22.17 3.48 -7.37
N ASP A 454 -22.99 3.01 -8.30
CA ASP A 454 -22.65 1.82 -9.08
C ASP A 454 -22.19 2.29 -10.45
N GLU A 455 -22.82 3.36 -10.93
CA GLU A 455 -22.49 3.94 -12.22
C GLU A 455 -21.14 4.62 -12.09
N ILE A 456 -20.62 4.63 -10.86
CA ILE A 456 -19.33 5.24 -10.57
C ILE A 456 -18.26 4.15 -10.60
N VAL A 457 -18.53 3.02 -9.96
CA VAL A 457 -17.59 1.90 -9.93
C VAL A 457 -17.46 1.35 -11.34
N LYS A 458 -18.59 1.15 -11.99
CA LYS A 458 -18.62 0.66 -13.35
C LYS A 458 -17.58 1.43 -14.18
N GLU A 459 -17.59 2.75 -14.06
CA GLU A 459 -16.66 3.58 -14.82
C GLU A 459 -15.19 3.38 -14.47
N PHE A 460 -14.90 3.08 -13.20
CA PHE A 460 -13.51 2.86 -12.77
C PHE A 460 -13.02 1.53 -13.31
N MET A 461 -13.93 0.57 -13.33
CA MET A 461 -13.66 -0.77 -13.78
C MET A 461 -13.67 -0.93 -15.29
N THR A 462 -14.30 0.02 -15.99
CA THR A 462 -14.37 -0.01 -17.44
C THR A 462 -13.04 0.40 -18.07
N PRO A 463 -12.32 -0.55 -18.70
CA PRO A 463 -11.04 -0.16 -19.31
C PRO A 463 -11.36 0.94 -20.32
N ARG A 464 -10.72 2.10 -20.15
CA ARG A 464 -10.96 3.26 -21.02
C ARG A 464 -9.73 4.17 -21.03
N LYS A 465 -9.80 5.29 -21.75
CA LYS A 465 -8.67 6.22 -21.83
C LYS A 465 -8.53 7.19 -20.64
N LEU A 466 -7.30 7.58 -20.30
CA LEU A 466 -7.08 8.47 -19.16
C LEU A 466 -6.29 9.80 -19.44
N SER A 467 -5.70 10.41 -18.39
CA SER A 467 -4.94 11.68 -18.49
C SER A 467 -3.63 11.79 -17.71
N PHE A 468 -2.57 12.27 -18.38
CA PHE A 468 -1.26 12.44 -17.74
C PHE A 468 -0.22 13.28 -18.51
N ASP A 469 1.04 12.84 -18.54
CA ASP A 469 2.11 13.56 -19.25
C ASP A 469 2.06 13.18 -20.74
#